data_8RQ1
#
_entry.id   8RQ1
#
_cell.length_a   52.031
_cell.length_b   96.405
_cell.length_c   148.086
_cell.angle_alpha   90.000
_cell.angle_beta   90.000
_cell.angle_gamma   90.000
#
_symmetry.space_group_name_H-M   'C 2 2 21'
#
loop_
_entity.id
_entity.type
_entity.pdbx_description
1 polymer 'Protein cereblon'
2 non-polymer 'ZINC ION'
#
_entity_poly.entity_id   1
_entity_poly.type   'polypeptide(L)'
_entity_poly.pdbx_seq_one_letter_code
;SAKKPNIINFDTSLPTSHTYLGADMEEFHGRTLHDDDSIQVIPVLPQVMMILVPGQTLPLQLFHPQEVSMVRNLIQNDRT
FAVLAYSNVQEREAEFGTTAEIYAYREEQDFGIEIVKVKAIGRQRFKVLELRTQSDGIQQAKVQILPEGSGDAETLMDRI
KKQLREWDENLKDDSLPSNPIDFSYWVAANLPIDDSLRIQLLKIDSAIQRLRCELDIMNKCTSLCCKQCQETEITTKNEI
FSLSREGPMAAYVNPHGYVHEILTVYKACNLNLIGRPSTEHSWFPGYAWTVAQCKICASHIGWKFTATKKDMSPQKFWGL
TRSALIPTI
;
_entity_poly.pdbx_strand_id   A
#
# COMPACT_ATOMS: atom_id res chain seq x y z
N LEU A 33 -4.31 15.58 16.96
CA LEU A 33 -3.67 14.28 16.83
C LEU A 33 -3.44 13.63 18.20
N HIS A 34 -3.63 12.31 18.28
CA HIS A 34 -3.50 11.60 19.54
C HIS A 34 -2.09 11.76 20.12
N ASP A 35 -2.03 11.93 21.43
CA ASP A 35 -0.78 12.18 22.13
C ASP A 35 0.05 10.91 22.23
N ASP A 36 1.34 11.11 22.50
CA ASP A 36 2.27 9.98 22.56
C ASP A 36 2.01 9.14 23.81
N ASP A 37 2.16 7.82 23.67
CA ASP A 37 1.96 6.84 24.72
C ASP A 37 0.53 6.83 25.25
N SER A 38 -0.39 7.52 24.60
CA SER A 38 -1.77 7.52 25.05
C SER A 38 -2.41 6.17 24.78
N ILE A 39 -3.59 5.96 25.35
CA ILE A 39 -4.32 4.71 25.22
C ILE A 39 -5.76 5.05 24.86
N GLN A 40 -6.13 4.77 23.62
CA GLN A 40 -7.47 5.06 23.14
C GLN A 40 -8.01 3.84 22.40
N VAL A 41 -9.31 3.85 22.14
CA VAL A 41 -10.01 2.76 21.48
C VAL A 41 -10.40 3.21 20.08
N ILE A 42 -9.97 2.44 19.08
CA ILE A 42 -10.08 2.84 17.68
C ILE A 42 -10.67 1.69 16.87
N PRO A 43 -11.63 1.94 15.98
CA PRO A 43 -12.32 0.83 15.29
C PRO A 43 -11.41 0.12 14.31
N VAL A 44 -11.67 -1.18 14.13
CA VAL A 44 -10.95 -2.02 13.19
C VAL A 44 -11.93 -2.53 12.15
N LEU A 45 -11.75 -2.11 10.91
CA LEU A 45 -12.50 -2.72 9.82
C LEU A 45 -11.98 -4.14 9.62
N PRO A 46 -12.81 -5.17 9.77
CA PRO A 46 -12.29 -6.54 9.78
C PRO A 46 -11.79 -7.01 8.44
N GLN A 47 -12.09 -6.30 7.34
CA GLN A 47 -11.68 -6.75 6.02
C GLN A 47 -10.21 -6.47 5.74
N VAL A 48 -9.71 -5.33 6.20
CA VAL A 48 -8.38 -4.87 5.78
C VAL A 48 -7.31 -5.80 6.33
N MET A 49 -6.49 -6.35 5.44
CA MET A 49 -5.29 -7.09 5.81
C MET A 49 -4.04 -6.43 5.27
N MET A 50 -4.14 -5.17 4.87
CA MET A 50 -2.99 -4.39 4.44
C MET A 50 -2.23 -3.88 5.66
N ILE A 51 -0.94 -3.64 5.45
CA ILE A 51 -0.08 -3.03 6.45
C ILE A 51 0.11 -1.57 6.07
N LEU A 52 -0.60 -0.68 6.77
CA LEU A 52 -0.49 0.74 6.48
C LEU A 52 0.66 1.35 7.26
N VAL A 53 1.19 2.44 6.71
CA VAL A 53 2.30 3.19 7.28
C VAL A 53 1.82 4.64 7.38
N PRO A 54 2.22 5.41 8.39
CA PRO A 54 1.81 6.81 8.46
C PRO A 54 2.16 7.54 7.17
N GLY A 55 1.16 8.16 6.56
CA GLY A 55 1.34 8.79 5.28
C GLY A 55 1.03 7.93 4.08
N GLN A 56 0.55 6.71 4.28
CA GLN A 56 0.18 5.82 3.18
C GLN A 56 -1.33 5.87 2.99
N THR A 57 -1.76 6.16 1.77
CA THR A 57 -3.18 6.28 1.46
C THR A 57 -3.82 4.90 1.34
N LEU A 58 -5.03 4.77 1.87
CA LEU A 58 -5.78 3.54 1.78
C LEU A 58 -7.09 3.81 1.05
N PRO A 59 -7.35 3.14 -0.07
CA PRO A 59 -8.65 3.31 -0.73
C PRO A 59 -9.63 2.24 -0.25
N LEU A 60 -10.84 2.62 0.12
CA LEU A 60 -11.80 1.67 0.67
C LEU A 60 -13.15 1.82 -0.02
N GLN A 61 -13.80 0.69 -0.25
CA GLN A 61 -15.18 0.66 -0.74
C GLN A 61 -15.95 -0.33 0.13
N LEU A 62 -17.00 0.15 0.78
CA LEU A 62 -17.73 -0.63 1.78
C LEU A 62 -19.14 -0.92 1.29
N PHE A 63 -19.51 -2.19 1.25
CA PHE A 63 -20.87 -2.59 0.92
C PHE A 63 -21.68 -3.00 2.15
N HIS A 64 -21.02 -3.40 3.23
CA HIS A 64 -21.73 -3.94 4.38
C HIS A 64 -22.46 -2.84 5.14
N PRO A 65 -23.71 -3.08 5.57
CA PRO A 65 -24.45 -2.00 6.25
C PRO A 65 -23.77 -1.54 7.53
N GLN A 66 -23.21 -2.48 8.29
CA GLN A 66 -22.57 -2.13 9.55
C GLN A 66 -21.33 -1.28 9.32
N GLU A 67 -20.42 -1.75 8.45
CA GLU A 67 -19.20 -0.99 8.18
C GLU A 67 -19.50 0.41 7.69
N VAL A 68 -20.53 0.54 6.85
CA VAL A 68 -20.95 1.86 6.38
C VAL A 68 -21.35 2.74 7.55
N SER A 69 -22.16 2.21 8.47
CA SER A 69 -22.60 2.99 9.62
C SER A 69 -21.42 3.42 10.47
N MET A 70 -20.44 2.55 10.64
CA MET A 70 -19.26 2.89 11.44
C MET A 70 -18.53 4.08 10.85
N VAL A 71 -18.35 4.10 9.53
CA VAL A 71 -17.61 5.19 8.90
C VAL A 71 -18.38 6.49 9.04
N ARG A 72 -19.71 6.44 8.92
CA ARG A 72 -20.52 7.66 8.99
C ARG A 72 -20.36 8.34 10.34
N ASN A 73 -20.54 7.59 11.43
CA ASN A 73 -20.31 8.15 12.76
C ASN A 73 -18.85 8.59 12.91
N LEU A 74 -17.92 7.73 12.47
CA LEU A 74 -16.50 8.06 12.56
C LEU A 74 -16.18 9.37 11.85
N ILE A 75 -16.87 9.64 10.75
CA ILE A 75 -16.73 10.91 10.05
C ILE A 75 -17.06 12.08 10.97
N GLN A 76 -18.01 11.89 11.89
CA GLN A 76 -18.27 12.91 12.89
C GLN A 76 -17.35 12.77 14.10
N ASN A 77 -16.77 11.59 14.33
CA ASN A 77 -15.98 11.34 15.54
C ASN A 77 -14.50 11.14 15.25
N ASP A 78 -13.84 12.20 14.76
CA ASP A 78 -12.42 12.35 14.50
C ASP A 78 -11.95 11.59 13.27
N ARG A 79 -12.80 10.79 12.62
CA ARG A 79 -12.45 10.14 11.34
C ARG A 79 -11.19 9.30 11.46
N THR A 80 -11.05 8.58 12.57
CA THR A 80 -9.83 7.85 12.88
C THR A 80 -10.16 6.38 13.10
N PHE A 81 -9.60 5.51 12.27
CA PHE A 81 -9.74 4.07 12.42
C PHE A 81 -8.38 3.41 12.39
N ALA A 82 -8.36 2.11 12.66
CA ALA A 82 -7.13 1.38 12.91
C ALA A 82 -6.83 0.41 11.78
N VAL A 83 -5.59 0.41 11.31
CA VAL A 83 -5.11 -0.50 10.28
C VAL A 83 -4.02 -1.34 10.91
N LEU A 84 -4.32 -2.62 11.13
CA LEU A 84 -3.43 -3.53 11.84
C LEU A 84 -2.45 -4.18 10.87
N ALA A 85 -1.23 -4.39 11.34
CA ALA A 85 -0.21 -5.10 10.57
C ALA A 85 -0.24 -6.57 10.99
N TYR A 86 -1.18 -7.30 10.39
CA TYR A 86 -1.39 -8.69 10.76
C TYR A 86 -0.17 -9.53 10.45
N SER A 87 0.22 -10.36 11.42
CA SER A 87 1.30 -11.33 11.23
C SER A 87 0.76 -12.60 10.58
N ASN A 88 -0.19 -13.26 11.23
CA ASN A 88 -0.92 -14.40 10.67
C ASN A 88 -2.35 -13.95 10.44
N VAL A 89 -2.69 -13.70 9.17
CA VAL A 89 -4.03 -13.22 8.85
C VAL A 89 -5.09 -14.26 9.16
N GLN A 90 -4.74 -15.54 9.06
CA GLN A 90 -5.69 -16.60 9.38
C GLN A 90 -6.12 -16.51 10.84
N GLU A 91 -5.17 -16.30 11.75
CA GLU A 91 -5.48 -16.10 13.16
C GLU A 91 -5.83 -14.66 13.48
N ARG A 92 -5.63 -13.73 12.55
CA ARG A 92 -5.80 -12.30 12.78
C ARG A 92 -4.96 -11.84 13.98
N GLU A 93 -3.65 -12.02 13.84
CA GLU A 93 -2.70 -11.69 14.89
C GLU A 93 -1.82 -10.54 14.40
N ALA A 94 -2.00 -9.36 15.00
CA ALA A 94 -1.19 -8.18 14.71
C ALA A 94 -0.68 -7.59 16.01
N GLU A 95 0.62 -7.39 16.10
CA GLU A 95 1.19 -6.75 17.28
C GLU A 95 1.19 -5.23 17.19
N PHE A 96 1.07 -4.68 15.99
CA PHE A 96 1.14 -3.24 15.83
C PHE A 96 0.44 -2.85 14.53
N GLY A 97 0.19 -1.57 14.39
CA GLY A 97 -0.42 -1.02 13.19
C GLY A 97 -0.25 0.47 13.17
N THR A 98 -1.02 1.13 12.29
CA THR A 98 -0.97 2.58 12.20
C THR A 98 -2.38 3.13 12.08
N THR A 99 -2.59 4.33 12.63
CA THR A 99 -3.87 5.00 12.52
C THR A 99 -4.05 5.55 11.12
N ALA A 100 -5.32 5.58 10.68
CA ALA A 100 -5.68 6.07 9.36
C ALA A 100 -6.83 7.06 9.53
N GLU A 101 -6.64 8.28 9.01
CA GLU A 101 -7.61 9.36 9.16
C GLU A 101 -8.27 9.62 7.82
N ILE A 102 -9.61 9.60 7.80
CA ILE A 102 -10.38 9.73 6.57
C ILE A 102 -10.34 11.17 6.09
N TYR A 103 -10.03 11.37 4.79
CA TYR A 103 -10.03 12.69 4.20
C TYR A 103 -11.04 12.88 3.07
N ALA A 104 -11.63 11.80 2.55
CA ALA A 104 -12.63 11.91 1.49
C ALA A 104 -13.77 10.94 1.77
N TYR A 105 -14.99 11.40 1.53
CA TYR A 105 -16.19 10.60 1.77
C TYR A 105 -17.22 10.93 0.70
N ARG A 106 -17.65 9.91 -0.04
CA ARG A 106 -18.66 10.07 -1.07
C ARG A 106 -19.62 8.89 -1.01
N GLU A 107 -20.91 9.16 -1.02
CA GLU A 107 -21.94 8.14 -0.90
C GLU A 107 -22.62 7.92 -2.24
N GLU A 108 -22.95 6.66 -2.53
CA GLU A 108 -23.65 6.27 -3.75
C GLU A 108 -24.71 5.23 -3.40
N GLN A 109 -25.51 4.84 -4.40
CA GLN A 109 -26.54 3.84 -4.24
C GLN A 109 -26.63 3.03 -5.53
N ASP A 110 -26.14 1.80 -5.50
CA ASP A 110 -26.09 0.94 -6.68
C ASP A 110 -26.75 -0.39 -6.39
N PHE A 111 -27.48 -0.90 -7.39
CA PHE A 111 -28.11 -2.22 -7.33
C PHE A 111 -28.95 -2.37 -6.06
N GLY A 112 -29.57 -1.27 -5.63
CA GLY A 112 -30.37 -1.28 -4.42
C GLY A 112 -29.59 -1.26 -3.13
N ILE A 113 -28.28 -1.07 -3.18
CA ILE A 113 -27.43 -1.09 -2.00
C ILE A 113 -26.89 0.32 -1.77
N GLU A 114 -26.74 0.68 -0.50
CA GLU A 114 -26.05 1.91 -0.12
C GLU A 114 -24.57 1.60 0.07
N ILE A 115 -23.72 2.26 -0.70
CA ILE A 115 -22.29 1.99 -0.71
C ILE A 115 -21.55 3.26 -0.30
N VAL A 116 -20.36 3.09 0.25
CA VAL A 116 -19.51 4.20 0.68
C VAL A 116 -18.09 3.96 0.20
N LYS A 117 -17.48 4.99 -0.37
CA LYS A 117 -16.09 4.97 -0.83
C LYS A 117 -15.34 6.07 -0.10
N VAL A 118 -14.31 5.68 0.65
CA VAL A 118 -13.59 6.61 1.52
C VAL A 118 -12.09 6.49 1.25
N LYS A 119 -11.39 7.59 1.46
CA LYS A 119 -9.93 7.64 1.37
C LYS A 119 -9.36 8.13 2.69
N ALA A 120 -8.31 7.48 3.18
CA ALA A 120 -7.73 7.78 4.48
C ALA A 120 -6.22 7.60 4.46
N ILE A 121 -5.54 8.44 5.24
CA ILE A 121 -4.08 8.48 5.24
C ILE A 121 -3.56 7.95 6.57
N GLY A 122 -2.43 7.24 6.53
CA GLY A 122 -1.75 6.87 7.75
C GLY A 122 -1.31 8.12 8.52
N ARG A 123 -1.52 8.10 9.82
CA ARG A 123 -1.19 9.24 10.66
C ARG A 123 -0.20 8.89 11.75
N GLN A 124 -0.49 7.89 12.58
CA GLN A 124 0.37 7.57 13.72
C GLN A 124 0.48 6.06 13.85
N ARG A 125 1.69 5.58 14.09
CA ARG A 125 1.87 4.17 14.37
C ARG A 125 1.36 3.87 15.78
N PHE A 126 1.06 2.59 16.03
CA PHE A 126 0.59 2.19 17.35
C PHE A 126 1.03 0.75 17.61
N LYS A 127 0.96 0.38 18.90
CA LYS A 127 1.16 -1.00 19.33
C LYS A 127 -0.13 -1.52 19.94
N VAL A 128 -0.52 -2.72 19.52
CA VAL A 128 -1.75 -3.35 20.01
C VAL A 128 -1.51 -3.84 21.43
N LEU A 129 -2.24 -3.26 22.40
CA LEU A 129 -2.27 -3.75 23.77
C LEU A 129 -3.43 -4.70 24.02
N GLU A 130 -4.59 -4.43 23.44
CA GLU A 130 -5.75 -5.30 23.58
C GLU A 130 -6.65 -5.13 22.37
N LEU A 131 -7.51 -6.13 22.15
CA LEU A 131 -8.48 -6.10 21.06
C LEU A 131 -9.59 -7.08 21.40
N ARG A 132 -10.81 -6.57 21.57
CA ARG A 132 -11.98 -7.40 21.86
C ARG A 132 -13.13 -6.94 20.99
N THR A 133 -13.99 -7.88 20.64
CA THR A 133 -15.14 -7.61 19.78
C THR A 133 -16.37 -7.39 20.65
N GLN A 134 -17.02 -6.25 20.46
CA GLN A 134 -18.23 -5.93 21.21
C GLN A 134 -19.39 -6.82 20.74
N SER A 135 -20.56 -6.60 21.35
CA SER A 135 -21.73 -7.41 21.02
C SER A 135 -22.25 -7.09 19.61
N ASP A 136 -22.16 -5.84 19.18
CA ASP A 136 -22.64 -5.43 17.87
C ASP A 136 -21.82 -5.99 16.72
N GLY A 137 -20.77 -6.76 17.00
CA GLY A 137 -19.84 -7.18 15.98
C GLY A 137 -18.76 -6.17 15.67
N ILE A 138 -18.84 -4.97 16.24
CA ILE A 138 -17.88 -3.91 15.98
C ILE A 138 -16.56 -4.28 16.64
N GLN A 139 -15.55 -4.56 15.83
CA GLN A 139 -14.23 -4.90 16.34
C GLN A 139 -13.48 -3.62 16.68
N GLN A 140 -13.09 -3.47 17.95
CA GLN A 140 -12.36 -2.31 18.42
C GLN A 140 -11.03 -2.75 19.00
N ALA A 141 -10.02 -1.89 18.88
CA ALA A 141 -8.68 -2.18 19.37
C ALA A 141 -8.21 -1.05 20.28
N LYS A 142 -7.81 -1.40 21.49
CA LYS A 142 -7.20 -0.45 22.41
C LYS A 142 -5.69 -0.53 22.22
N VAL A 143 -5.06 0.59 21.89
CA VAL A 143 -3.67 0.62 21.48
C VAL A 143 -2.96 1.79 22.13
N GLN A 144 -1.63 1.77 22.07
CA GLN A 144 -0.81 2.85 22.59
C GLN A 144 -0.05 3.51 21.44
N ILE A 145 -0.24 4.82 21.28
CA ILE A 145 0.48 5.57 20.27
C ILE A 145 1.97 5.44 20.51
N LEU A 146 2.73 5.20 19.45
CA LEU A 146 4.17 5.12 19.58
C LEU A 146 4.79 6.45 19.21
N PRO A 147 5.66 7.00 20.06
CA PRO A 147 6.12 8.37 19.86
C PRO A 147 6.99 8.51 18.62
N GLU A 148 6.93 9.70 18.02
CA GLU A 148 7.63 10.05 16.78
C GLU A 148 9.06 9.51 16.70
N ALA A 153 21.22 11.72 10.56
CA ALA A 153 21.39 10.79 9.45
C ALA A 153 21.03 11.42 8.10
N GLU A 154 21.24 12.74 7.98
CA GLU A 154 20.94 13.43 6.74
C GLU A 154 21.74 12.87 5.58
N THR A 155 22.98 12.46 5.83
CA THR A 155 23.80 11.87 4.76
C THR A 155 23.32 10.47 4.40
N LEU A 156 22.73 9.75 5.38
CA LEU A 156 22.16 8.44 5.08
C LEU A 156 20.94 8.56 4.17
N MET A 157 20.11 9.58 4.40
CA MET A 157 19.02 9.88 3.47
C MET A 157 19.56 10.08 2.06
N ASP A 158 20.54 10.99 1.92
CA ASP A 158 21.04 11.36 0.60
C ASP A 158 21.71 10.18 -0.09
N ARG A 159 22.50 9.40 0.66
CA ARG A 159 23.09 8.19 0.08
C ARG A 159 22.00 7.20 -0.33
N ILE A 160 20.97 7.03 0.52
CA ILE A 160 19.84 6.19 0.14
C ILE A 160 19.12 6.80 -1.07
N LYS A 161 19.02 8.12 -1.14
CA LYS A 161 18.40 8.77 -2.28
C LYS A 161 19.18 8.51 -3.56
N LYS A 162 20.52 8.46 -3.45
CA LYS A 162 21.34 8.18 -4.63
C LYS A 162 21.12 6.77 -5.13
N GLN A 163 20.93 5.81 -4.22
CA GLN A 163 20.64 4.44 -4.63
C GLN A 163 19.32 4.35 -5.38
N LEU A 164 18.35 5.19 -5.01
CA LEU A 164 17.06 5.16 -5.69
C LEU A 164 17.14 5.77 -7.09
N ARG A 165 17.95 6.81 -7.24
CA ARG A 165 18.10 7.44 -8.56
C ARG A 165 18.80 6.53 -9.54
N GLU A 166 19.65 5.61 -9.05
CA GLU A 166 20.33 4.68 -9.94
C GLU A 166 19.33 3.78 -10.66
N TRP A 167 18.29 3.34 -9.95
CA TRP A 167 17.29 2.47 -10.54
C TRP A 167 16.40 3.22 -11.52
N ASP A 168 16.16 4.50 -11.27
CA ASP A 168 15.36 5.32 -12.15
C ASP A 168 15.66 6.78 -11.90
N GLU A 169 15.83 7.55 -12.98
CA GLU A 169 16.17 8.96 -12.90
C GLU A 169 14.89 9.79 -13.06
N ASN A 170 14.53 10.52 -12.02
CA ASN A 170 13.37 11.40 -12.05
C ASN A 170 13.74 12.74 -11.46
N LEU A 171 12.85 13.71 -11.67
CA LEU A 171 13.08 15.09 -11.25
C LEU A 171 13.39 15.18 -9.76
N ASP A 174 11.73 18.62 -4.93
CA ASP A 174 11.23 17.33 -5.40
C ASP A 174 10.10 16.86 -4.49
N SER A 175 9.21 16.01 -5.03
CA SER A 175 8.08 15.51 -4.24
C SER A 175 8.53 14.63 -3.07
N LEU A 176 9.72 14.05 -3.15
CA LEU A 176 10.24 13.27 -2.04
C LEU A 176 10.43 14.17 -0.81
N PRO A 177 10.09 13.70 0.38
CA PRO A 177 10.03 14.60 1.54
C PRO A 177 11.41 15.02 2.02
N SER A 178 11.43 16.13 2.76
CA SER A 178 12.66 16.71 3.28
C SER A 178 13.02 16.15 4.66
N ASN A 179 12.03 16.06 5.55
CA ASN A 179 12.29 15.58 6.90
C ASN A 179 12.76 14.13 6.88
N PRO A 180 13.61 13.73 7.84
CA PRO A 180 14.04 12.32 7.88
C PRO A 180 12.93 11.41 8.36
N ILE A 181 12.05 11.90 9.23
CA ILE A 181 10.93 11.10 9.73
C ILE A 181 10.02 10.70 8.58
N ASP A 182 9.57 11.69 7.81
CA ASP A 182 8.66 11.42 6.70
C ASP A 182 9.31 10.54 5.65
N PHE A 183 10.60 10.79 5.38
CA PHE A 183 11.30 10.05 4.33
C PHE A 183 11.36 8.56 4.64
N SER A 184 11.56 8.20 5.91
CA SER A 184 11.58 6.80 6.28
C SER A 184 10.24 6.14 5.99
N TYR A 185 9.15 6.87 6.16
CA TYR A 185 7.83 6.28 5.93
C TYR A 185 7.53 6.11 4.45
N TRP A 186 7.71 7.18 3.67
CA TRP A 186 7.50 7.11 2.22
C TRP A 186 8.29 5.97 1.60
N VAL A 187 9.56 5.83 2.00
CA VAL A 187 10.39 4.73 1.52
C VAL A 187 9.76 3.38 1.90
N ALA A 188 9.29 3.26 3.15
CA ALA A 188 8.70 2.00 3.60
C ALA A 188 7.44 1.66 2.81
N ALA A 189 6.68 2.67 2.39
CA ALA A 189 5.46 2.43 1.63
C ALA A 189 5.77 2.14 0.16
N ASN A 190 6.65 2.94 -0.44
CA ASN A 190 6.97 2.83 -1.86
C ASN A 190 8.24 2.00 -2.03
N LEU A 191 8.12 0.69 -1.75
CA LEU A 191 9.24 -0.24 -1.90
C LEU A 191 8.71 -1.65 -2.06
N PRO A 192 9.34 -2.48 -2.91
CA PRO A 192 8.90 -3.88 -3.04
C PRO A 192 9.29 -4.73 -1.84
N ILE A 193 8.57 -4.58 -0.74
CA ILE A 193 8.93 -5.22 0.53
C ILE A 193 7.99 -6.38 0.79
N ASP A 194 8.56 -7.49 1.26
CA ASP A 194 7.75 -8.56 1.84
C ASP A 194 7.01 -8.03 3.07
N ASP A 195 5.79 -8.53 3.27
CA ASP A 195 5.00 -8.10 4.43
C ASP A 195 5.73 -8.39 5.74
N SER A 196 6.54 -9.46 5.78
CA SER A 196 7.33 -9.74 6.97
C SER A 196 8.25 -8.57 7.31
N LEU A 197 8.95 -8.05 6.29
CA LEU A 197 9.84 -6.91 6.52
C LEU A 197 9.08 -5.60 6.60
N ARG A 198 7.89 -5.53 5.99
CA ARG A 198 7.06 -4.34 6.09
C ARG A 198 6.76 -4.01 7.55
N ILE A 199 6.41 -5.02 8.35
CA ILE A 199 6.12 -4.80 9.76
C ILE A 199 7.39 -4.41 10.50
N GLN A 200 8.48 -5.14 10.24
CA GLN A 200 9.74 -4.93 10.96
C GLN A 200 10.21 -3.47 10.93
N LEU A 201 9.81 -2.70 9.92
CA LEU A 201 10.12 -1.28 9.88
C LEU A 201 9.09 -0.44 10.60
N LEU A 202 7.94 -1.02 10.95
CA LEU A 202 6.98 -0.32 11.79
C LEU A 202 7.37 -0.40 13.26
N LYS A 203 7.98 -1.52 13.67
CA LYS A 203 8.46 -1.67 15.04
C LYS A 203 9.51 -0.63 15.38
N ILE A 204 10.36 -0.28 14.41
CA ILE A 204 11.38 0.73 14.64
C ILE A 204 10.71 2.06 14.97
N ASP A 205 11.09 2.63 16.11
CA ASP A 205 10.55 3.92 16.55
C ASP A 205 11.52 5.07 16.31
N SER A 206 12.68 4.80 15.70
CA SER A 206 13.69 5.82 15.42
C SER A 206 13.74 6.09 13.92
N ALA A 207 13.66 7.36 13.55
CA ALA A 207 13.75 7.71 12.13
C ALA A 207 15.10 7.31 11.56
N ILE A 208 16.19 7.58 12.29
CA ILE A 208 17.53 7.24 11.83
C ILE A 208 17.68 5.72 11.72
N GLN A 209 17.07 4.98 12.65
CA GLN A 209 17.14 3.52 12.58
C GLN A 209 16.32 2.99 11.40
N ARG A 210 15.13 3.54 11.18
CA ARG A 210 14.37 3.16 10.00
C ARG A 210 15.17 3.43 8.74
N LEU A 211 15.77 4.62 8.64
CA LEU A 211 16.56 4.97 7.45
C LEU A 211 17.72 4.00 7.26
N ARG A 212 18.35 3.57 8.36
CA ARG A 212 19.50 2.69 8.23
C ARG A 212 19.08 1.29 7.81
N CYS A 213 18.05 0.74 8.46
CA CYS A 213 17.59 -0.59 8.11
C CYS A 213 17.03 -0.63 6.70
N GLU A 214 16.41 0.46 6.25
CA GLU A 214 15.83 0.50 4.91
C GLU A 214 16.91 0.51 3.84
N LEU A 215 18.01 1.21 4.09
CA LEU A 215 19.10 1.25 3.11
C LEU A 215 19.75 -0.11 2.94
N ASP A 216 19.87 -0.88 4.03
CA ASP A 216 20.48 -2.20 3.95
C ASP A 216 19.70 -3.14 3.03
N ILE A 217 18.39 -2.93 2.91
CA ILE A 217 17.58 -3.80 2.06
C ILE A 217 17.77 -3.45 0.59
N MET A 218 17.79 -2.16 0.27
CA MET A 218 17.96 -1.74 -1.12
C MET A 218 19.21 -2.35 -1.72
N ASN A 219 20.25 -2.51 -0.90
CA ASN A 219 21.46 -3.20 -1.34
C ASN A 219 21.23 -4.70 -1.47
N LYS A 220 20.50 -5.30 -0.52
CA LYS A 220 20.24 -6.73 -0.52
C LYS A 220 19.47 -7.16 -1.76
N THR A 222 17.75 -7.96 -5.64
CA THR A 222 17.91 -7.15 -6.84
C THR A 222 16.70 -7.27 -7.76
N SER A 223 16.04 -8.42 -7.76
CA SER A 223 14.94 -8.70 -8.67
C SER A 223 13.84 -9.44 -7.93
N LEU A 224 12.63 -9.39 -8.51
CA LEU A 224 11.43 -10.02 -7.98
C LEU A 224 11.11 -11.29 -8.75
N CYS A 225 10.12 -12.03 -8.26
CA CYS A 225 9.78 -13.33 -8.83
C CYS A 225 8.32 -13.64 -8.59
N CYS A 226 7.82 -14.62 -9.35
CA CYS A 226 6.45 -15.09 -9.15
C CYS A 226 6.36 -15.88 -7.85
N LYS A 227 5.33 -15.60 -7.07
CA LYS A 227 5.20 -16.21 -5.75
C LYS A 227 5.08 -17.73 -5.84
N GLN A 228 4.03 -18.21 -6.51
CA GLN A 228 3.79 -19.66 -6.54
C GLN A 228 4.94 -20.40 -7.20
N CYS A 229 5.52 -19.82 -8.25
CA CYS A 229 6.66 -20.45 -8.89
C CYS A 229 7.87 -20.41 -7.97
N GLN A 230 8.26 -19.22 -7.53
CA GLN A 230 9.51 -18.90 -6.86
C GLN A 230 10.71 -19.09 -7.79
N GLU A 231 10.50 -19.43 -9.05
CA GLU A 231 11.56 -19.57 -10.03
C GLU A 231 11.51 -18.50 -11.10
N THR A 232 10.31 -18.17 -11.57
CA THR A 232 10.13 -17.20 -12.63
C THR A 232 10.60 -15.82 -12.17
N GLU A 233 11.62 -15.28 -12.84
CA GLU A 233 12.14 -13.95 -12.54
C GLU A 233 11.46 -12.94 -13.45
N ILE A 234 10.74 -12.00 -12.86
CA ILE A 234 9.82 -11.13 -13.59
C ILE A 234 10.44 -9.79 -13.92
N THR A 235 10.96 -9.09 -12.92
CA THR A 235 11.50 -7.76 -13.11
C THR A 235 12.59 -7.52 -12.07
N THR A 236 13.17 -6.32 -12.11
CA THR A 236 14.25 -5.97 -11.20
C THR A 236 14.11 -4.52 -10.77
N LYS A 237 14.91 -4.14 -9.77
CA LYS A 237 14.83 -2.80 -9.19
C LYS A 237 15.07 -1.70 -10.22
N ASN A 238 15.89 -1.98 -11.24
CA ASN A 238 16.22 -0.99 -12.27
C ASN A 238 15.04 -0.61 -13.13
N GLU A 239 13.91 -1.32 -13.01
CA GLU A 239 12.76 -1.09 -13.85
C GLU A 239 11.69 -0.21 -13.20
N ILE A 240 11.73 -0.05 -11.87
CA ILE A 240 10.70 0.72 -11.19
C ILE A 240 10.79 2.19 -11.59
N PHE A 241 9.65 2.86 -11.61
CA PHE A 241 9.57 4.29 -11.91
C PHE A 241 8.32 4.85 -11.26
N SER A 242 8.10 6.15 -11.44
CA SER A 242 7.02 6.86 -10.75
C SER A 242 6.20 7.65 -11.77
N LEU A 243 5.00 7.16 -12.07
CA LEU A 243 4.06 7.94 -12.88
C LEU A 243 3.57 9.16 -12.13
N SER A 244 3.48 9.09 -10.81
CA SER A 244 2.98 10.18 -9.98
C SER A 244 3.95 10.39 -8.82
N ARG A 245 3.60 11.33 -7.94
CA ARG A 245 4.42 11.60 -6.77
C ARG A 245 4.52 10.35 -5.89
N GLU A 246 3.38 9.76 -5.53
CA GLU A 246 3.34 8.46 -4.86
C GLU A 246 3.48 7.30 -5.85
N GLY A 247 3.99 7.63 -7.05
CA GLY A 247 4.12 6.71 -8.15
C GLY A 247 4.78 5.37 -7.89
N PRO A 248 5.89 5.31 -7.15
CA PRO A 248 6.61 4.02 -7.03
C PRO A 248 5.71 2.85 -6.68
N MET A 249 4.88 3.00 -5.64
CA MET A 249 3.85 2.01 -5.37
C MET A 249 2.63 2.72 -4.80
N ALA A 250 1.45 2.32 -5.26
CA ALA A 250 0.21 2.88 -4.76
C ALA A 250 -0.86 1.80 -4.79
N ALA A 251 -2.03 2.13 -4.24
CA ALA A 251 -3.09 1.17 -4.05
C ALA A 251 -4.36 1.62 -4.77
N TYR A 252 -5.09 0.65 -5.33
CA TYR A 252 -6.35 0.89 -6.00
C TYR A 252 -7.35 -0.19 -5.58
N VAL A 253 -8.62 0.16 -5.61
CA VAL A 253 -9.68 -0.72 -5.14
C VAL A 253 -10.18 -1.57 -6.31
N ASN A 254 -10.56 -2.80 -6.00
CA ASN A 254 -11.19 -3.68 -6.98
C ASN A 254 -12.57 -3.14 -7.33
N PRO A 255 -12.83 -2.72 -8.58
CA PRO A 255 -14.12 -2.17 -9.00
C PRO A 255 -15.23 -3.21 -9.11
N GLY A 257 -14.03 -4.03 -3.81
CA GLY A 257 -13.85 -4.48 -2.45
C GLY A 257 -12.41 -4.78 -2.11
N TYR A 258 -11.79 -5.63 -2.92
CA TYR A 258 -10.39 -5.96 -2.72
C TYR A 258 -9.52 -4.77 -3.06
N VAL A 259 -8.47 -4.56 -2.26
CA VAL A 259 -7.54 -3.46 -2.44
C VAL A 259 -6.19 -4.04 -2.85
N HIS A 260 -5.70 -3.65 -4.02
CA HIS A 260 -4.42 -4.08 -4.54
C HIS A 260 -3.39 -2.98 -4.38
N GLU A 261 -2.14 -3.38 -4.18
CA GLU A 261 -1.00 -2.48 -4.29
C GLU A 261 -0.27 -2.83 -5.58
N ILE A 262 -0.08 -1.83 -6.44
CA ILE A 262 0.41 -2.05 -7.79
C ILE A 262 1.73 -1.32 -7.96
N LEU A 263 2.78 -2.06 -8.28
CA LEU A 263 4.11 -1.51 -8.52
C LEU A 263 4.24 -1.13 -10.00
N THR A 264 4.68 0.08 -10.26
CA THR A 264 4.82 0.59 -11.63
C THR A 264 6.25 0.36 -12.11
N VAL A 265 6.39 -0.45 -13.15
CA VAL A 265 7.71 -0.81 -13.70
C VAL A 265 7.68 -0.63 -15.21
N TYR A 266 8.84 -0.29 -15.78
CA TYR A 266 8.90 0.07 -17.19
C TYR A 266 8.81 -1.15 -18.09
N LYS A 267 9.48 -2.25 -17.71
CA LYS A 267 9.49 -3.46 -18.52
C LYS A 267 9.37 -4.66 -17.61
N ALA A 268 8.97 -5.79 -18.19
CA ALA A 268 8.73 -7.02 -17.44
C ALA A 268 9.20 -8.21 -18.26
N CYS A 269 9.19 -9.38 -17.63
CA CYS A 269 9.64 -10.62 -18.25
C CYS A 269 8.66 -11.74 -17.94
N ASN A 270 8.75 -12.82 -18.72
CA ASN A 270 8.15 -14.12 -18.40
C ASN A 270 6.66 -14.05 -18.11
N LEU A 271 5.98 -13.01 -18.59
CA LEU A 271 4.56 -12.82 -18.35
C LEU A 271 3.82 -12.71 -19.68
N ASN A 272 2.76 -13.50 -19.84
CA ASN A 272 1.91 -13.44 -21.01
C ASN A 272 0.77 -12.45 -20.78
N LEU A 273 0.55 -11.57 -21.74
CA LEU A 273 -0.66 -10.78 -21.76
C LEU A 273 -1.80 -11.64 -22.30
N ILE A 274 -3.03 -11.34 -21.87
CA ILE A 274 -4.20 -12.13 -22.22
C ILE A 274 -5.28 -11.21 -22.77
N GLY A 275 -5.72 -11.49 -23.99
CA GLY A 275 -6.78 -10.71 -24.60
C GLY A 275 -6.24 -9.46 -25.27
N ARG A 276 -7.03 -8.39 -25.22
CA ARG A 276 -6.70 -7.12 -25.84
C ARG A 276 -7.04 -6.01 -24.85
N PRO A 277 -6.38 -4.86 -24.97
CA PRO A 277 -6.59 -3.79 -23.98
C PRO A 277 -8.05 -3.38 -23.87
N SER A 278 -8.44 -2.98 -22.67
CA SER A 278 -9.76 -2.46 -22.39
C SER A 278 -9.61 -1.12 -21.68
N THR A 279 -10.51 -0.19 -21.99
CA THR A 279 -10.46 1.14 -21.39
C THR A 279 -11.45 1.30 -20.24
N GLU A 280 -11.92 0.18 -19.68
CA GLU A 280 -12.94 0.22 -18.64
C GLU A 280 -12.29 0.48 -17.29
N HIS A 281 -12.55 1.65 -16.72
CA HIS A 281 -12.10 2.01 -15.38
C HIS A 281 -10.60 1.77 -15.20
N SER A 282 -9.83 2.27 -16.16
CA SER A 282 -8.38 2.16 -16.08
C SER A 282 -7.89 2.87 -14.82
N TRP A 283 -7.19 2.13 -13.96
CA TRP A 283 -6.68 2.72 -12.73
C TRP A 283 -5.82 3.93 -13.02
N PHE A 284 -5.17 3.96 -14.17
CA PHE A 284 -4.41 5.11 -14.63
C PHE A 284 -5.13 5.75 -15.80
N PRO A 285 -5.45 7.04 -15.74
CA PRO A 285 -6.31 7.64 -16.77
C PRO A 285 -5.56 7.85 -18.07
N GLY A 286 -6.27 7.66 -19.18
CA GLY A 286 -5.67 7.77 -20.49
C GLY A 286 -4.90 6.56 -20.94
N TYR A 287 -4.86 5.50 -20.15
CA TYR A 287 -4.19 4.27 -20.51
C TYR A 287 -5.20 3.13 -20.58
N ALA A 288 -4.86 2.10 -21.34
CA ALA A 288 -5.68 0.90 -21.45
C ALA A 288 -4.91 -0.29 -20.91
N TRP A 289 -5.64 -1.24 -20.33
CA TRP A 289 -5.03 -2.31 -19.55
C TRP A 289 -5.29 -3.66 -20.19
N THR A 290 -4.32 -4.56 -20.02
CA THR A 290 -4.45 -5.95 -20.44
C THR A 290 -3.86 -6.82 -19.33
N VAL A 291 -4.57 -7.88 -18.98
CA VAL A 291 -4.16 -8.72 -17.85
C VAL A 291 -2.89 -9.47 -18.21
N ALA A 292 -1.89 -9.39 -17.34
CA ALA A 292 -0.69 -10.20 -17.48
C ALA A 292 -0.83 -11.49 -16.68
N GLN A 293 -0.08 -12.51 -17.10
CA GLN A 293 -0.21 -13.82 -16.49
C GLN A 293 1.13 -14.54 -16.57
N CYS A 294 1.44 -15.30 -15.53
CA CYS A 294 2.70 -16.04 -15.51
C CYS A 294 2.71 -17.11 -16.59
N LYS A 295 3.84 -17.21 -17.30
CA LYS A 295 3.93 -18.21 -18.37
C LYS A 295 3.86 -19.62 -17.81
N ILE A 296 4.50 -19.86 -16.65
CA ILE A 296 4.64 -21.21 -16.15
C ILE A 296 3.40 -21.66 -15.39
N CYS A 297 2.94 -20.83 -14.45
CA CYS A 297 1.92 -21.25 -13.50
C CYS A 297 0.56 -20.59 -13.72
N ALA A 298 0.47 -19.61 -14.61
CA ALA A 298 -0.77 -18.90 -14.94
C ALA A 298 -1.34 -18.06 -13.80
N SER A 299 -0.50 -17.60 -12.87
CA SER A 299 -0.96 -16.67 -11.85
C SER A 299 -0.96 -15.25 -12.40
N HIS A 300 -1.97 -14.47 -12.03
CA HIS A 300 -2.15 -13.13 -12.58
C HIS A 300 -1.23 -12.17 -11.84
N ILE A 301 -0.06 -11.93 -12.43
CA ILE A 301 0.97 -11.11 -11.81
C ILE A 301 0.71 -9.61 -11.93
N GLY A 302 -0.27 -9.22 -12.73
CA GLY A 302 -0.61 -7.81 -12.80
C GLY A 302 -1.29 -7.48 -14.12
N TRP A 303 -0.97 -6.30 -14.65
CA TRP A 303 -1.55 -5.80 -15.88
C TRP A 303 -0.48 -5.03 -16.66
N LYS A 304 -0.69 -4.90 -17.96
CA LYS A 304 0.18 -4.11 -18.83
C LYS A 304 -0.60 -2.93 -19.38
N PHE A 305 -0.01 -1.75 -19.28
CA PHE A 305 -0.68 -0.51 -19.64
C PHE A 305 -0.10 0.05 -20.93
N THR A 306 -0.97 0.65 -21.72
CA THR A 306 -0.67 1.10 -23.07
C THR A 306 -1.40 2.42 -23.31
N ALA A 307 -0.68 3.40 -23.85
CA ALA A 307 -1.23 4.74 -24.01
C ALA A 307 -2.25 4.78 -25.14
N THR A 308 -3.42 5.36 -24.88
CA THR A 308 -4.41 5.58 -25.92
C THR A 308 -4.01 6.71 -26.86
N LYS A 309 -3.01 7.50 -26.48
CA LYS A 309 -2.48 8.58 -27.30
C LYS A 309 -0.96 8.51 -27.27
N LYS A 310 -0.35 8.57 -28.45
CA LYS A 310 1.11 8.54 -28.56
C LYS A 310 1.78 9.64 -27.75
N ASP A 311 1.03 10.70 -27.40
CA ASP A 311 1.65 11.86 -26.76
C ASP A 311 2.19 11.52 -25.37
N MET A 312 1.52 10.63 -24.64
CA MET A 312 1.93 10.32 -23.27
C MET A 312 3.36 9.80 -23.23
N SER A 313 4.10 10.18 -22.17
CA SER A 313 5.53 9.90 -22.14
C SER A 313 5.83 8.43 -21.88
N PRO A 314 5.42 7.82 -20.74
CA PRO A 314 5.68 6.39 -20.56
C PRO A 314 4.72 5.54 -21.40
N GLN A 315 5.09 5.31 -22.67
CA GLN A 315 4.21 4.62 -23.60
C GLN A 315 3.90 3.20 -23.13
N LYS A 316 4.93 2.46 -22.74
CA LYS A 316 4.77 1.10 -22.24
C LYS A 316 5.13 1.08 -20.75
N PHE A 317 4.16 0.77 -19.90
CA PHE A 317 4.42 0.56 -18.48
C PHE A 317 3.55 -0.58 -17.97
N TRP A 318 4.03 -1.23 -16.91
CA TRP A 318 3.43 -2.43 -16.37
C TRP A 318 3.01 -2.19 -14.92
N GLY A 319 1.79 -2.62 -14.58
CA GLY A 319 1.34 -2.65 -13.21
C GLY A 319 1.37 -4.08 -12.69
N LEU A 320 2.01 -4.25 -11.54
CA LEU A 320 2.22 -5.58 -10.97
C LEU A 320 1.69 -5.64 -9.54
N THR A 321 0.92 -6.67 -9.25
CA THR A 321 0.29 -6.82 -7.94
C THR A 321 1.29 -7.36 -6.93
N ARG A 322 1.41 -6.66 -5.79
CA ARG A 322 2.37 -7.06 -4.77
C ARG A 322 2.08 -8.43 -4.20
N SER A 323 0.80 -8.81 -4.11
CA SER A 323 0.44 -10.08 -3.52
C SER A 323 0.93 -11.26 -4.34
N ALA A 324 1.18 -11.08 -5.64
CA ALA A 324 1.59 -12.14 -6.55
C ALA A 324 3.10 -12.22 -6.75
N LEU A 325 3.86 -11.38 -6.06
CA LEU A 325 5.31 -11.33 -6.22
C LEU A 325 6.00 -11.56 -4.88
N ILE A 326 7.04 -12.37 -4.89
CA ILE A 326 7.86 -12.62 -3.72
C ILE A 326 9.28 -12.15 -4.04
N PRO A 327 9.89 -11.30 -3.21
CA PRO A 327 11.28 -10.91 -3.46
C PRO A 327 12.23 -12.08 -3.29
N THR A 328 13.28 -12.10 -4.10
CA THR A 328 14.29 -13.15 -4.06
C THR A 328 15.19 -13.01 -2.84
#